data_5KPF
#
_entry.id   5KPF
#
_cell.length_a   34.417
_cell.length_b   61.085
_cell.length_c   173.403
_cell.angle_alpha   90.000
_cell.angle_beta   90.000
_cell.angle_gamma   90.000
#
_symmetry.space_group_name_H-M   'C 2 2 21'
#
loop_
_entity.id
_entity.type
_entity.pdbx_description
1 polymer 'Cytochrome c iso-1'
2 non-polymer 'HEME C'
3 non-polymer 'NITRATE ION'
4 non-polymer Phenyl-trisulfonatocalix[4]arene
5 water water
#
_entity_poly.entity_id   1
_entity_poly.type   'polypeptide(L)'
_entity_poly.pdbx_seq_one_letter_code
;AEFKAGSAKKGATLFKTRCLQCHTVEKGGPHKVGPNLHGIFGRHSGQAEGYSYTDANIKKNVLWDENNMSEYLTNPKKYI
PGTKMAFGGLKKEKDRNDLITYLKKATE
;
_entity_poly.pdbx_strand_id   A,B
#
# COMPACT_ATOMS: atom_id res chain seq x y z
N ALA A 1 -4.65 0.41 -2.29
CA ALA A 1 -5.99 1.00 -2.19
C ALA A 1 -6.09 2.29 -2.98
N GLU A 2 -7.30 2.65 -3.37
CA GLU A 2 -7.55 3.92 -4.03
C GLU A 2 -8.63 4.68 -3.27
N PHE A 3 -8.19 5.60 -2.41
CA PHE A 3 -9.11 6.42 -1.63
C PHE A 3 -10.06 7.29 -2.47
N LYS A 4 -11.33 7.26 -2.08
CA LYS A 4 -12.35 8.16 -2.62
C LYS A 4 -13.03 8.80 -1.43
N ALA A 5 -13.12 10.13 -1.43
CA ALA A 5 -13.79 10.85 -0.34
C ALA A 5 -15.20 10.31 -0.14
N GLY A 6 -15.58 10.11 1.12
CA GLY A 6 -16.89 9.62 1.45
C GLY A 6 -17.62 10.53 2.42
N SER A 7 -18.18 9.94 3.47
CA SER A 7 -18.92 10.69 4.47
C SER A 7 -18.05 10.99 5.69
N ALA A 8 -17.66 12.25 5.85
CA ALA A 8 -16.87 12.62 7.02
C ALA A 8 -17.71 12.42 8.28
N LYS A 9 -19.01 12.56 8.12
CA LYS A 9 -19.96 12.42 9.21
C LYS A 9 -19.95 10.98 9.74
N LYS A 10 -20.04 10.03 8.82
CA LYS A 10 -19.96 8.62 9.19
C LYS A 10 -18.57 8.28 9.67
N GLY A 11 -17.57 8.90 9.06
CA GLY A 11 -16.19 8.70 9.45
C GLY A 11 -15.94 9.09 10.88
N ALA A 12 -16.59 10.17 11.33
CA ALA A 12 -16.42 10.67 12.69
C ALA A 12 -16.98 9.68 13.69
N THR A 13 -18.12 9.09 13.34
CA THR A 13 -18.74 8.08 14.20
C THR A 13 -17.87 6.82 14.21
N LEU A 14 -17.36 6.46 13.05
CA LEU A 14 -16.48 5.31 12.98
C LEU A 14 -15.25 5.52 13.84
N PHE A 15 -14.67 6.72 13.79
CA PHE A 15 -13.49 6.94 14.60
C PHE A 15 -13.85 6.83 16.08
N LYS A 16 -14.95 7.47 16.46
CA LYS A 16 -15.33 7.48 17.87
C LYS A 16 -15.58 6.06 18.38
N THR A 17 -16.23 5.25 17.56
CA THR A 17 -16.64 3.93 18.00
C THR A 17 -15.62 2.82 17.73
N ARG A 18 -14.64 3.05 16.86
CA ARG A 18 -13.68 2.00 16.52
CA ARG A 18 -13.68 2.00 16.52
C ARG A 18 -12.23 2.36 16.86
N CYS A 19 -11.94 3.65 17.01
CA CYS A 19 -10.56 4.09 17.17
C CYS A 19 -10.25 4.89 18.44
N LEU A 20 -11.23 5.65 18.91
CA LEU A 20 -11.02 6.61 19.98
C LEU A 20 -10.51 5.99 21.29
N GLN A 21 -10.88 4.75 21.56
CA GLN A 21 -10.40 4.08 22.77
C GLN A 21 -8.86 4.03 22.82
N CYS A 22 -8.23 4.00 21.66
CA CYS A 22 -6.77 3.88 21.61
C CYS A 22 -6.06 5.08 21.01
N HIS A 23 -6.82 5.97 20.36
CA HIS A 23 -6.24 7.09 19.64
C HIS A 23 -6.95 8.41 19.90
N THR A 24 -6.17 9.48 20.03
CA THR A 24 -6.72 10.82 19.94
C THR A 24 -6.24 11.44 18.64
N VAL A 25 -6.95 12.48 18.18
CA VAL A 25 -6.61 13.14 16.92
C VAL A 25 -6.18 14.61 17.06
N GLU A 26 -6.53 15.25 18.18
CA GLU A 26 -6.29 16.68 18.28
C GLU A 26 -4.83 17.00 18.55
N LYS A 27 -4.40 18.17 18.10
CA LYS A 27 -3.05 18.65 18.37
C LYS A 27 -2.85 18.82 19.87
N GLY A 28 -1.79 18.23 20.41
CA GLY A 28 -1.55 18.29 21.84
C GLY A 28 -2.23 17.15 22.58
N GLY A 29 -3.02 16.36 21.85
CA GLY A 29 -3.76 15.26 22.44
C GLY A 29 -2.84 14.19 23.00
N PRO A 30 -3.31 13.44 24.00
CA PRO A 30 -2.44 12.45 24.63
C PRO A 30 -2.26 11.19 23.83
N HIS A 31 -1.13 10.52 24.03
CA HIS A 31 -1.00 9.13 23.59
C HIS A 31 -1.78 8.29 24.56
N LYS A 32 -2.49 7.30 24.03
CA LYS A 32 -3.22 6.36 24.85
C LYS A 32 -2.60 4.99 24.61
N VAL A 33 -3.43 3.99 24.35
CA VAL A 33 -2.88 2.69 23.98
C VAL A 33 -2.09 2.87 22.69
N GLY A 34 -2.64 3.66 21.77
CA GLY A 34 -1.98 3.99 20.52
C GLY A 34 -1.58 5.45 20.51
N PRO A 35 -0.77 5.87 19.52
CA PRO A 35 -0.29 7.25 19.46
C PRO A 35 -1.35 8.26 19.04
N ASN A 36 -1.25 9.48 19.58
CA ASN A 36 -2.02 10.59 19.02
C ASN A 36 -1.78 10.67 17.51
N LEU A 37 -2.82 10.98 16.75
CA LEU A 37 -2.73 10.90 15.29
C LEU A 37 -2.68 12.26 14.61
N HIS A 38 -2.60 13.33 15.38
CA HIS A 38 -2.47 14.65 14.76
C HIS A 38 -1.25 14.68 13.84
N GLY A 39 -1.46 15.15 12.61
CA GLY A 39 -0.36 15.26 11.65
C GLY A 39 0.09 13.96 11.02
N ILE A 40 -0.70 12.90 11.18
CA ILE A 40 -0.30 11.59 10.68
C ILE A 40 -0.09 11.59 9.17
N PHE A 41 -0.85 12.42 8.44
CA PHE A 41 -0.73 12.42 6.99
C PHE A 41 0.40 13.33 6.50
N GLY A 42 1.25 13.78 7.42
CA GLY A 42 2.46 14.48 7.05
C GLY A 42 3.69 13.80 7.63
N ARG A 43 3.56 12.50 7.89
CA ARG A 43 4.55 11.79 8.69
C ARG A 43 4.72 10.34 8.23
N HIS A 44 5.88 9.73 8.53
CA HIS A 44 6.02 8.29 8.37
C HIS A 44 5.52 7.57 9.62
N SER A 45 5.32 6.27 9.49
CA SER A 45 4.94 5.44 10.62
C SER A 45 6.02 5.47 11.67
N GLY A 46 5.62 5.40 12.94
CA GLY A 46 6.59 5.25 14.00
C GLY A 46 7.34 6.51 14.34
N GLN A 47 6.73 7.67 14.09
CA GLN A 47 7.45 8.92 14.23
C GLN A 47 6.79 9.97 15.13
N ALA A 48 5.59 9.70 15.65
CA ALA A 48 4.96 10.68 16.53
C ALA A 48 5.81 10.87 17.78
N GLU A 49 6.14 12.13 18.07
CA GLU A 49 6.96 12.43 19.22
C GLU A 49 6.27 11.96 20.50
N GLY A 50 7.03 11.29 21.37
CA GLY A 50 6.52 10.91 22.66
C GLY A 50 5.85 9.55 22.74
N TYR A 51 5.76 8.85 21.62
CA TYR A 51 5.12 7.53 21.66
C TYR A 51 6.13 6.41 21.52
N SER A 52 5.88 5.32 22.24
CA SER A 52 6.72 4.12 22.23
C SER A 52 6.24 3.09 21.19
N TYR A 53 6.83 3.12 20.00
CA TYR A 53 6.41 2.25 18.91
C TYR A 53 7.08 0.89 18.95
N THR A 54 6.46 -0.10 18.33
CA THR A 54 7.16 -1.35 18.04
C THR A 54 8.19 -1.12 16.96
N ASP A 55 9.25 -1.92 16.98
CA ASP A 55 10.24 -1.90 15.92
C ASP A 55 9.59 -2.18 14.56
N ALA A 56 8.57 -3.03 14.54
CA ALA A 56 7.86 -3.36 13.30
C ALA A 56 7.24 -2.12 12.66
N ASN A 57 6.49 -1.35 13.45
CA ASN A 57 5.89 -0.12 12.97
C ASN A 57 6.95 0.90 12.51
N ILE A 58 8.05 0.99 13.24
CA ILE A 58 9.11 1.92 12.88
C ILE A 58 9.79 1.49 11.59
N LYS A 59 10.11 0.21 11.47
CA LYS A 59 10.84 -0.27 10.30
C LYS A 59 10.00 -0.24 9.03
N LYS A 60 8.68 -0.37 9.16
CA LYS A 60 7.81 -0.31 7.99
C LYS A 60 8.01 1.03 7.29
N ASN A 61 8.13 2.08 8.09
CA ASN A 61 8.46 3.41 7.60
C ASN A 61 7.56 3.85 6.45
N VAL A 62 6.26 3.61 6.59
CA VAL A 62 5.33 3.99 5.55
C VAL A 62 5.03 5.49 5.64
N LEU A 63 5.23 6.18 4.54
CA LEU A 63 4.82 7.57 4.45
C LEU A 63 3.31 7.64 4.32
N TRP A 64 2.61 7.95 5.42
CA TRP A 64 1.16 7.84 5.42
C TRP A 64 0.46 8.80 4.44
N ASP A 65 -0.45 8.25 3.64
CA ASP A 65 -1.33 9.02 2.79
C ASP A 65 -2.69 8.33 2.76
N GLU A 66 -3.65 8.93 2.05
CA GLU A 66 -5.03 8.44 2.07
C GLU A 66 -5.13 7.03 1.52
N ASN A 67 -4.19 6.66 0.66
CA ASN A 67 -4.26 5.37 -0.02
C ASN A 67 -3.69 4.23 0.81
N ASN A 68 -2.47 4.39 1.32
CA ASN A 68 -1.91 3.30 2.12
C ASN A 68 -2.55 3.25 3.51
N MET A 69 -3.12 4.36 3.96
CA MET A 69 -3.95 4.31 5.16
C MET A 69 -5.13 3.37 4.93
N SER A 70 -5.76 3.43 3.76
CA SER A 70 -6.87 2.53 3.47
C SER A 70 -6.38 1.08 3.41
N GLU A 71 -5.24 0.88 2.75
CA GLU A 71 -4.65 -0.45 2.65
C GLU A 71 -4.32 -1.00 4.04
N TYR A 72 -3.68 -0.16 4.86
CA TYR A 72 -3.36 -0.51 6.25
C TYR A 72 -4.60 -0.87 7.07
N LEU A 73 -5.62 -0.01 7.02
CA LEU A 73 -6.79 -0.20 7.88
C LEU A 73 -7.64 -1.40 7.47
N THR A 74 -7.41 -1.90 6.26
CA THR A 74 -8.08 -3.13 5.82
C THR A 74 -7.66 -4.29 6.71
N ASN A 75 -6.38 -4.34 7.02
CA ASN A 75 -5.80 -5.45 7.77
C ASN A 75 -4.45 -5.03 8.33
N PRO A 76 -4.45 -4.34 9.48
CA PRO A 76 -3.23 -3.75 10.00
C PRO A 76 -2.09 -4.76 10.21
N LYS A 77 -2.41 -5.94 10.71
CA LYS A 77 -1.37 -6.93 10.99
C LYS A 77 -0.81 -7.56 9.71
N LYS A 78 -1.60 -7.60 8.65
CA LYS A 78 -1.06 -8.08 7.37
C LYS A 78 -0.16 -7.02 6.76
N TYR A 79 -0.54 -5.76 6.94
CA TYR A 79 0.21 -4.65 6.36
C TYR A 79 1.48 -4.36 7.13
N ILE A 80 1.39 -4.38 8.46
CA ILE A 80 2.57 -4.25 9.31
C ILE A 80 2.67 -5.44 10.25
N PRO A 81 3.24 -6.54 9.77
CA PRO A 81 3.41 -7.72 10.62
C PRO A 81 4.21 -7.40 11.89
N GLY A 82 3.68 -7.78 13.05
CA GLY A 82 4.36 -7.50 14.30
C GLY A 82 3.85 -6.27 15.02
N THR A 83 2.97 -5.51 14.36
CA THR A 83 2.41 -4.33 15.01
C THR A 83 1.59 -4.74 16.22
N LYS A 84 1.54 -3.88 17.22
CA LYS A 84 0.79 -4.19 18.44
C LYS A 84 -0.58 -3.53 18.43
N MET A 85 -0.97 -2.95 17.31
CA MET A 85 -2.32 -2.44 17.17
C MET A 85 -3.31 -3.61 17.06
N ALA A 86 -4.04 -3.86 18.15
CA ALA A 86 -4.97 -4.98 18.19
C ALA A 86 -6.29 -4.58 17.56
N PHE A 87 -6.32 -4.57 16.24
CA PHE A 87 -7.47 -4.13 15.46
C PHE A 87 -7.50 -4.95 14.20
N GLY A 88 -8.60 -5.66 13.97
CA GLY A 88 -8.67 -6.61 12.87
C GLY A 88 -8.74 -5.94 11.51
N GLY A 89 -9.33 -4.76 11.48
CA GLY A 89 -9.43 -3.99 10.25
C GLY A 89 -10.86 -3.61 9.88
N LEU A 90 -10.98 -2.56 9.07
CA LEU A 90 -12.25 -2.18 8.46
C LEU A 90 -12.32 -2.83 7.09
N LYS A 91 -13.11 -3.88 6.97
CA LYS A 91 -13.10 -4.68 5.75
C LYS A 91 -13.86 -4.01 4.60
N LYS A 92 -14.84 -3.19 4.93
CA LYS A 92 -15.62 -2.51 3.91
C LYS A 92 -14.89 -1.27 3.42
N GLU A 93 -14.75 -1.14 2.11
CA GLU A 93 -14.03 -0.03 1.52
C GLU A 93 -14.71 1.30 1.82
N LYS A 94 -16.04 1.29 1.79
CA LYS A 94 -16.78 2.52 2.05
C LYS A 94 -16.58 3.00 3.49
N ASP A 95 -16.40 2.07 4.43
CA ASP A 95 -16.08 2.45 5.80
C ASP A 95 -14.70 3.09 5.89
N ARG A 96 -13.74 2.50 5.19
CA ARG A 96 -12.39 3.04 5.18
C ARG A 96 -12.37 4.42 4.56
N ASN A 97 -13.13 4.59 3.48
CA ASN A 97 -13.21 5.90 2.83
C ASN A 97 -13.82 6.95 3.75
N ASP A 98 -14.91 6.58 4.42
CA ASP A 98 -15.53 7.49 5.40
C ASP A 98 -14.55 7.86 6.50
N LEU A 99 -13.94 6.86 7.12
CA LEU A 99 -13.02 7.09 8.21
C LEU A 99 -11.90 8.02 7.80
N ILE A 100 -11.33 7.78 6.62
CA ILE A 100 -10.18 8.55 6.18
C ILE A 100 -10.60 9.95 5.77
N THR A 101 -11.82 10.09 5.24
CA THR A 101 -12.35 11.41 4.93
C THR A 101 -12.41 12.28 6.18
N TYR A 102 -12.84 11.67 7.28
CA TYR A 102 -12.87 12.34 8.56
C TYR A 102 -11.46 12.58 9.09
N LEU A 103 -10.63 11.54 9.05
CA LEU A 103 -9.29 11.62 9.62
C LEU A 103 -8.42 12.68 8.92
N LYS A 104 -8.60 12.87 7.62
CA LYS A 104 -7.84 13.88 6.89
C LYS A 104 -8.11 15.26 7.46
N LYS A 105 -9.36 15.51 7.84
CA LYS A 105 -9.75 16.79 8.42
C LYS A 105 -9.39 16.88 9.90
N ALA A 106 -9.66 15.80 10.63
CA ALA A 106 -9.53 15.82 12.08
C ALA A 106 -8.08 15.86 12.56
N THR A 107 -7.16 15.37 11.75
CA THR A 107 -5.77 15.32 12.19
C THR A 107 -4.94 16.49 11.66
N GLU A 108 -5.62 17.49 11.10
CA GLU A 108 -4.96 18.73 10.72
C GLU A 108 -5.24 19.83 11.76
N ALA B 1 1.15 5.15 -1.04
CA ALA B 1 1.70 5.90 -2.17
C ALA B 1 0.59 6.66 -2.87
N GLU B 2 0.97 7.75 -3.53
CA GLU B 2 0.04 8.54 -4.33
C GLU B 2 0.52 8.58 -5.78
N PHE B 3 0.11 7.58 -6.54
CA PHE B 3 0.52 7.50 -7.94
C PHE B 3 0.13 8.76 -8.70
N LYS B 4 1.08 9.28 -9.46
CA LYS B 4 0.84 10.38 -10.38
C LYS B 4 1.34 9.97 -11.74
N ALA B 5 0.48 10.01 -12.74
CA ALA B 5 0.88 9.65 -14.09
C ALA B 5 2.04 10.53 -14.53
N GLY B 6 3.06 9.91 -15.11
CA GLY B 6 4.23 10.62 -15.54
C GLY B 6 4.57 10.26 -16.97
N SER B 7 5.84 9.95 -17.20
CA SER B 7 6.31 9.66 -18.55
C SER B 7 6.24 8.17 -18.89
N ALA B 8 5.33 7.83 -19.81
CA ALA B 8 5.22 6.46 -20.26
C ALA B 8 6.47 6.04 -21.02
N LYS B 9 7.11 6.99 -21.69
CA LYS B 9 8.29 6.67 -22.48
C LYS B 9 9.43 6.25 -21.56
N LYS B 10 9.65 7.00 -20.49
CA LYS B 10 10.64 6.63 -19.51
C LYS B 10 10.22 5.34 -18.80
N GLY B 11 8.93 5.19 -18.55
CA GLY B 11 8.42 3.98 -17.92
C GLY B 11 8.63 2.76 -18.80
N ALA B 12 8.44 2.94 -20.10
CA ALA B 12 8.66 1.87 -21.08
C ALA B 12 10.13 1.47 -21.12
N THR B 13 11.00 2.47 -21.15
CA THR B 13 12.44 2.22 -21.10
C THR B 13 12.82 1.51 -19.80
N LEU B 14 12.26 1.97 -18.69
CA LEU B 14 12.47 1.32 -17.41
C LEU B 14 12.04 -0.13 -17.50
N PHE B 15 10.85 -0.38 -18.02
CA PHE B 15 10.36 -1.76 -18.06
C PHE B 15 11.24 -2.64 -18.94
N LYS B 16 11.57 -2.14 -20.12
CA LYS B 16 12.25 -2.96 -21.11
C LYS B 16 13.70 -3.28 -20.73
N THR B 17 14.25 -2.48 -19.81
CA THR B 17 15.63 -2.63 -19.40
C THR B 17 15.81 -3.28 -18.04
N ARG B 18 14.75 -3.28 -17.29
CA ARG B 18 14.74 -3.71 -15.88
CA ARG B 18 14.71 -3.66 -15.94
C ARG B 18 13.76 -4.87 -15.33
N CYS B 19 12.73 -4.97 -16.15
CA CYS B 19 11.61 -5.87 -15.86
C CYS B 19 11.38 -6.92 -16.92
N LEU B 20 11.57 -6.56 -18.17
CA LEU B 20 11.26 -7.42 -19.29
C LEU B 20 12.06 -8.72 -19.25
N GLN B 21 13.21 -8.69 -18.59
CA GLN B 21 14.03 -9.90 -18.40
C GLN B 21 13.19 -11.03 -17.79
N CYS B 22 12.27 -10.66 -16.93
CA CYS B 22 11.51 -11.63 -16.15
C CYS B 22 10.00 -11.57 -16.37
N HIS B 23 9.53 -10.53 -17.05
CA HIS B 23 8.10 -10.32 -17.21
C HIS B 23 7.68 -9.96 -18.62
N THR B 24 6.63 -10.60 -19.11
CA THR B 24 5.95 -10.13 -20.32
C THR B 24 4.65 -9.42 -19.92
N VAL B 25 4.08 -8.64 -20.83
CA VAL B 25 2.91 -7.83 -20.51
C VAL B 25 1.71 -8.08 -21.40
N GLU B 26 1.90 -8.74 -22.54
CA GLU B 26 0.84 -8.89 -23.52
C GLU B 26 -0.17 -9.96 -23.14
N LYS B 27 -1.38 -9.85 -23.68
CA LYS B 27 -2.42 -10.85 -23.43
C LYS B 27 -1.98 -12.22 -23.92
N GLY B 28 -2.00 -13.20 -23.03
CA GLY B 28 -1.58 -14.55 -23.37
C GLY B 28 -0.08 -14.69 -23.51
N GLY B 29 0.66 -13.65 -23.15
CA GLY B 29 2.10 -13.68 -23.19
C GLY B 29 2.64 -14.75 -22.25
N PRO B 30 3.83 -15.26 -22.53
CA PRO B 30 4.38 -16.34 -21.69
C PRO B 30 4.88 -15.84 -20.35
N HIS B 31 4.83 -16.70 -19.34
CA HIS B 31 5.54 -16.47 -18.11
C HIS B 31 7.02 -16.61 -18.41
N LYS B 32 7.86 -15.93 -17.64
CA LYS B 32 9.29 -16.14 -17.74
C LYS B 32 9.76 -16.49 -16.34
N VAL B 33 10.85 -15.91 -15.88
CA VAL B 33 11.26 -16.11 -14.49
C VAL B 33 10.13 -15.63 -13.58
N GLY B 34 9.52 -14.51 -13.96
CA GLY B 34 8.33 -14.01 -13.29
C GLY B 34 7.09 -14.16 -14.15
N PRO B 35 5.92 -13.92 -13.55
CA PRO B 35 4.66 -14.11 -14.27
C PRO B 35 4.39 -13.05 -15.34
N ASN B 36 3.66 -13.45 -16.37
CA ASN B 36 3.05 -12.51 -17.29
C ASN B 36 2.19 -11.52 -16.50
N LEU B 37 2.27 -10.25 -16.85
CA LEU B 37 1.62 -9.20 -16.08
C LEU B 37 0.33 -8.67 -16.71
N HIS B 38 -0.13 -9.29 -17.79
CA HIS B 38 -1.39 -8.83 -18.39
C HIS B 38 -2.52 -8.91 -17.38
N GLY B 39 -3.31 -7.83 -17.30
CA GLY B 39 -4.47 -7.79 -16.44
C GLY B 39 -4.15 -7.68 -14.95
N ILE B 40 -2.91 -7.35 -14.63
CA ILE B 40 -2.51 -7.35 -13.22
C ILE B 40 -3.26 -6.33 -12.37
N PHE B 41 -3.58 -5.16 -12.92
CA PHE B 41 -4.29 -4.16 -12.14
C PHE B 41 -5.75 -4.57 -12.00
N GLY B 42 -6.20 -4.71 -10.76
CA GLY B 42 -7.53 -5.20 -10.48
C GLY B 42 -7.54 -6.70 -10.22
N ARG B 43 -6.37 -7.31 -10.20
CA ARG B 43 -6.26 -8.73 -9.87
C ARG B 43 -5.48 -8.86 -8.58
N HIS B 44 -5.80 -9.87 -7.77
CA HIS B 44 -5.03 -10.07 -6.55
C HIS B 44 -3.67 -10.66 -6.87
N SER B 45 -2.71 -10.46 -5.96
CA SER B 45 -1.40 -11.07 -6.12
C SER B 45 -1.49 -12.59 -6.19
N GLY B 46 -0.63 -13.18 -6.99
CA GLY B 46 -0.55 -14.63 -7.07
C GLY B 46 -1.63 -15.31 -7.88
N GLN B 47 -2.24 -14.58 -8.81
CA GLN B 47 -3.40 -15.12 -9.50
C GLN B 47 -3.31 -15.14 -11.03
N ALA B 48 -2.13 -14.89 -11.58
CA ALA B 48 -1.96 -15.08 -13.03
C ALA B 48 -2.09 -16.56 -13.37
N GLU B 49 -2.89 -16.85 -14.39
CA GLU B 49 -3.13 -18.22 -14.79
C GLU B 49 -1.83 -18.92 -15.21
N GLY B 50 -1.55 -20.05 -14.58
CA GLY B 50 -0.48 -20.93 -15.00
C GLY B 50 0.90 -20.68 -14.40
N TYR B 51 1.02 -19.70 -13.52
CA TYR B 51 2.32 -19.43 -12.93
C TYR B 51 2.44 -19.96 -11.50
N SER B 52 3.62 -20.48 -11.18
CA SER B 52 3.90 -20.99 -9.84
CA SER B 52 3.90 -20.99 -9.84
C SER B 52 4.47 -19.89 -8.93
N TYR B 53 3.61 -19.34 -8.08
CA TYR B 53 4.02 -18.30 -7.14
C TYR B 53 4.53 -18.85 -5.81
N THR B 54 5.22 -18.02 -5.04
CA THR B 54 5.47 -18.34 -3.65
C THR B 54 4.16 -18.23 -2.87
N ASP B 55 4.06 -19.00 -1.80
CA ASP B 55 2.94 -18.87 -0.89
C ASP B 55 2.87 -17.45 -0.33
N ALA B 56 4.04 -16.85 -0.11
CA ALA B 56 4.12 -15.50 0.42
C ALA B 56 3.41 -14.48 -0.47
N ASN B 57 3.66 -14.55 -1.78
CA ASN B 57 3.00 -13.65 -2.70
C ASN B 57 1.51 -13.91 -2.72
N ILE B 58 1.13 -15.17 -2.71
CA ILE B 58 -0.26 -15.55 -2.74
C ILE B 58 -1.01 -15.07 -1.50
N LYS B 59 -0.45 -15.36 -0.33
CA LYS B 59 -1.14 -15.11 0.93
C LYS B 59 -1.16 -13.62 1.29
N LYS B 60 -0.28 -12.85 0.67
CA LYS B 60 -0.31 -11.40 0.85
C LYS B 60 -1.61 -10.84 0.28
N ASN B 61 -2.07 -11.46 -0.81
CA ASN B 61 -3.37 -11.17 -1.40
C ASN B 61 -3.59 -9.66 -1.65
N VAL B 62 -2.61 -9.04 -2.29
CA VAL B 62 -2.71 -7.64 -2.65
C VAL B 62 -3.65 -7.48 -3.82
N LEU B 63 -4.67 -6.66 -3.69
CA LEU B 63 -5.46 -6.29 -4.86
C LEU B 63 -4.70 -5.19 -5.57
N TRP B 64 -3.95 -5.54 -6.61
CA TRP B 64 -3.04 -4.59 -7.24
C TRP B 64 -3.73 -3.37 -7.83
N ASP B 65 -3.25 -2.20 -7.43
CA ASP B 65 -3.63 -0.97 -8.09
C ASP B 65 -2.39 -0.11 -8.22
N GLU B 66 -2.52 1.07 -8.80
CA GLU B 66 -1.37 1.93 -9.06
C GLU B 66 -0.63 2.32 -7.78
N ASN B 67 -1.36 2.41 -6.68
CA ASN B 67 -0.76 2.93 -5.46
C ASN B 67 0.00 1.88 -4.68
N ASN B 68 -0.61 0.70 -4.46
CA ASN B 68 0.12 -0.30 -3.69
C ASN B 68 1.22 -0.94 -4.54
N MET B 69 1.12 -0.85 -5.86
CA MET B 69 2.18 -1.28 -6.77
CA MET B 69 2.21 -1.37 -6.67
C MET B 69 3.43 -0.44 -6.56
N SER B 70 3.21 0.84 -6.34
CA SER B 70 4.33 1.75 -6.11
C SER B 70 5.01 1.40 -4.79
N GLU B 71 4.22 1.11 -3.77
CA GLU B 71 4.79 0.72 -2.49
C GLU B 71 5.57 -0.58 -2.64
N TYR B 72 4.99 -1.54 -3.36
CA TYR B 72 5.64 -2.81 -3.62
C TYR B 72 6.97 -2.62 -4.33
N LEU B 73 6.95 -1.86 -5.42
CA LEU B 73 8.12 -1.71 -6.25
C LEU B 73 9.25 -0.92 -5.57
N THR B 74 8.92 -0.23 -4.49
CA THR B 74 9.94 0.50 -3.72
C THR B 74 10.93 -0.49 -3.14
N ASN B 75 10.41 -1.62 -2.70
CA ASN B 75 11.20 -2.66 -2.07
C ASN B 75 10.34 -3.90 -1.97
N PRO B 76 10.35 -4.74 -3.01
CA PRO B 76 9.47 -5.93 -3.09
C PRO B 76 9.58 -6.84 -1.89
N LYS B 77 10.80 -7.13 -1.45
CA LYS B 77 11.00 -8.11 -0.38
C LYS B 77 10.60 -7.54 0.97
N LYS B 78 10.57 -6.22 1.08
CA LYS B 78 10.07 -5.59 2.28
C LYS B 78 8.55 -5.65 2.29
N TYR B 79 7.95 -5.41 1.12
CA TYR B 79 6.50 -5.35 1.00
C TYR B 79 5.88 -6.75 1.11
N ILE B 80 6.50 -7.71 0.45
CA ILE B 80 6.08 -9.10 0.56
C ILE B 80 7.25 -9.99 0.98
N PRO B 81 7.49 -10.05 2.31
CA PRO B 81 8.57 -10.88 2.83
C PRO B 81 8.41 -12.33 2.37
N GLY B 82 9.47 -12.88 1.78
CA GLY B 82 9.43 -14.26 1.29
C GLY B 82 9.22 -14.36 -0.20
N THR B 83 8.97 -13.24 -0.87
CA THR B 83 8.79 -13.25 -2.32
C THR B 83 10.08 -13.67 -3.00
N LYS B 84 9.97 -14.30 -4.17
CA LYS B 84 11.14 -14.77 -4.88
C LYS B 84 11.55 -13.82 -5.98
N MET B 85 10.86 -12.68 -6.08
CA MET B 85 11.29 -11.67 -7.03
C MET B 85 12.55 -10.98 -6.54
N ALA B 86 13.67 -11.24 -7.20
CA ALA B 86 14.96 -10.76 -6.75
C ALA B 86 15.35 -9.46 -7.45
N PHE B 87 16.52 -8.94 -7.07
CA PHE B 87 17.12 -7.76 -7.70
C PHE B 87 16.34 -6.47 -7.44
N GLY B 88 15.75 -6.39 -6.24
CA GLY B 88 15.22 -5.15 -5.71
C GLY B 88 14.11 -4.51 -6.50
N GLY B 89 13.91 -3.21 -6.26
CA GLY B 89 12.86 -2.47 -6.93
C GLY B 89 13.33 -1.16 -7.53
N LEU B 90 12.51 -0.13 -7.37
CA LEU B 90 12.81 1.20 -7.88
C LEU B 90 12.80 2.21 -6.74
N LYS B 91 13.99 2.68 -6.38
CA LYS B 91 14.18 3.57 -5.25
C LYS B 91 13.53 4.95 -5.44
N LYS B 92 13.57 5.47 -6.66
CA LYS B 92 13.04 6.81 -6.94
C LYS B 92 11.53 6.80 -7.22
N GLU B 93 10.79 7.67 -6.55
CA GLU B 93 9.35 7.73 -6.77
C GLU B 93 9.05 8.11 -8.21
N LYS B 94 9.86 9.01 -8.75
CA LYS B 94 9.69 9.43 -10.14
C LYS B 94 9.74 8.21 -11.07
N ASP B 95 10.71 7.34 -10.84
CA ASP B 95 10.87 6.12 -11.63
C ASP B 95 9.68 5.18 -11.46
N ARG B 96 9.18 5.06 -10.24
CA ARG B 96 8.03 4.21 -10.00
C ARG B 96 6.80 4.77 -10.71
N ASN B 97 6.61 6.09 -10.64
CA ASN B 97 5.48 6.71 -11.32
C ASN B 97 5.56 6.51 -12.84
N ASP B 98 6.74 6.72 -13.42
CA ASP B 98 6.89 6.48 -14.85
C ASP B 98 6.63 5.03 -15.24
N LEU B 99 7.23 4.10 -14.49
CA LEU B 99 7.04 2.67 -14.76
C LEU B 99 5.56 2.27 -14.68
N ILE B 100 4.88 2.70 -13.63
CA ILE B 100 3.50 2.30 -13.42
C ILE B 100 2.60 2.96 -14.46
N THR B 101 2.99 4.16 -14.89
CA THR B 101 2.31 4.84 -15.99
C THR B 101 2.31 3.94 -17.22
N TYR B 102 3.49 3.45 -17.59
CA TYR B 102 3.63 2.55 -18.71
C TYR B 102 2.83 1.27 -18.46
N LEU B 103 2.99 0.71 -17.27
CA LEU B 103 2.44 -0.60 -16.96
C LEU B 103 0.91 -0.61 -16.98
N LYS B 104 0.31 0.51 -16.56
CA LYS B 104 -1.15 0.62 -16.49
C LYS B 104 -1.81 0.37 -17.85
N LYS B 105 -1.15 0.78 -18.93
CA LYS B 105 -1.73 0.54 -20.24
C LYS B 105 -1.11 -0.67 -20.95
N ALA B 106 0.17 -0.89 -20.71
CA ALA B 106 0.90 -1.98 -21.34
C ALA B 106 0.33 -3.34 -20.96
N THR B 107 -0.23 -3.43 -19.76
CA THR B 107 -0.79 -4.68 -19.28
C THR B 107 -2.28 -4.81 -19.60
N GLU B 108 -2.79 -3.91 -20.43
CA GLU B 108 -4.15 -4.02 -20.92
C GLU B 108 -4.17 -4.13 -22.45
#